data_3HMF
#
_entry.id   3HMF
#
_cell.length_a   85.810
_cell.length_b   49.360
_cell.length_c   33.610
_cell.angle_alpha   90.000
_cell.angle_beta   97.910
_cell.angle_gamma   90.000
#
_symmetry.space_group_name_H-M   'C 1 2 1'
#
loop_
_entity.id
_entity.type
_entity.pdbx_description
1 polymer 'Protein polybromo-1'
2 non-polymer 'ZINC ION'
3 non-polymer 1,2-ETHANEDIOL
4 non-polymer 'CHLORIDE ION'
5 water water
#
_entity_poly.entity_id   1
_entity_poly.type   'polypeptide(L)'
_entity_poly.pdbx_seq_one_letter_code
;SMSPAYLKEILEQLLEAIVVATNPSGRLISELFQKLPSKVQYPDYYAIIKEPIDLKTIAQRIQNGSYKSIHAMAKDIDLL
AKNAKTYNEPGSQVFKDANSIKKIFYMKKAEIEHHE
;
_entity_poly.pdbx_strand_id   A
#
loop_
_chem_comp.id
_chem_comp.type
_chem_comp.name
_chem_comp.formula
CL non-polymer 'CHLORIDE ION' 'Cl -1'
EDO non-polymer 1,2-ETHANEDIOL 'C2 H6 O2'
ZN non-polymer 'ZINC ION' 'Zn 2'
#
# COMPACT_ATOMS: atom_id res chain seq x y z
N SER A 1 -0.52 -25.01 1.78
CA SER A 1 -1.33 -24.07 2.53
C SER A 1 -0.58 -23.54 3.75
N MET A 2 -0.04 -22.33 3.64
CA MET A 2 0.70 -21.75 4.74
C MET A 2 -0.24 -21.34 5.87
N SER A 3 0.24 -21.45 7.10
CA SER A 3 -0.54 -21.10 8.27
C SER A 3 -0.82 -19.60 8.31
N PRO A 4 -1.86 -19.21 9.06
CA PRO A 4 -2.10 -17.77 9.23
C PRO A 4 -0.87 -17.06 9.80
N ALA A 5 -0.15 -17.72 10.71
CA ALA A 5 1.02 -17.10 11.30
C ALA A 5 2.13 -16.86 10.28
N TYR A 6 2.35 -17.85 9.42
CA TYR A 6 3.35 -17.70 8.36
C TYR A 6 2.93 -16.61 7.38
N LEU A 7 1.66 -16.63 6.99
CA LEU A 7 1.16 -15.63 6.06
C LEU A 7 1.39 -14.24 6.64
N LYS A 8 1.09 -14.07 7.93
CA LYS A 8 1.22 -12.75 8.55
C LYS A 8 2.64 -12.23 8.44
N GLU A 9 3.62 -13.10 8.69
CA GLU A 9 5.00 -12.68 8.61
C GLU A 9 5.34 -12.18 7.20
N ILE A 10 4.82 -12.85 6.19
N ILE A 10 4.83 -12.84 6.17
CA ILE A 10 5.03 -12.44 4.80
CA ILE A 10 5.10 -12.39 4.81
C ILE A 10 4.42 -11.07 4.54
C ILE A 10 4.42 -11.04 4.54
N LEU A 11 3.16 -10.91 4.95
CA LEU A 11 2.46 -9.64 4.77
C LEU A 11 3.18 -8.50 5.49
N GLU A 12 3.70 -8.78 6.69
CA GLU A 12 4.43 -7.76 7.44
C GLU A 12 5.71 -7.37 6.71
N GLN A 13 6.38 -8.34 6.12
CA GLN A 13 7.60 -8.05 5.36
C GLN A 13 7.32 -7.20 4.13
N LEU A 14 6.20 -7.50 3.47
CA LEU A 14 5.78 -6.72 2.32
C LEU A 14 5.47 -5.27 2.73
N LEU A 15 4.72 -5.10 3.81
CA LEU A 15 4.37 -3.76 4.26
C LEU A 15 5.64 -2.99 4.66
N GLU A 16 6.55 -3.67 5.36
CA GLU A 16 7.79 -3.02 5.81
C GLU A 16 8.58 -2.52 4.61
N ALA A 17 8.67 -3.31 3.56
CA ALA A 17 9.39 -2.90 2.36
C ALA A 17 8.83 -1.59 1.84
N ILE A 18 7.51 -1.47 1.86
CA ILE A 18 6.83 -0.26 1.39
C ILE A 18 7.15 0.95 2.27
N VAL A 19 7.03 0.76 3.59
CA VAL A 19 7.13 1.90 4.49
C VAL A 19 8.55 2.39 4.78
N VAL A 20 9.56 1.60 4.45
CA VAL A 20 10.94 2.05 4.61
C VAL A 20 11.56 2.60 3.33
N ALA A 21 10.86 2.43 2.21
CA ALA A 21 11.37 2.86 0.90
C ALA A 21 11.49 4.39 0.81
N THR A 22 12.61 4.85 0.26
CA THR A 22 12.85 6.28 0.12
C THR A 22 13.10 6.67 -1.33
N ASN A 23 12.80 7.93 -1.65
CA ASN A 23 13.14 8.51 -2.94
C ASN A 23 14.59 8.97 -2.92
N PRO A 24 15.13 9.35 -4.08
CA PRO A 24 16.49 9.91 -4.10
C PRO A 24 16.62 11.05 -3.10
N SER A 25 15.56 11.81 -2.91
CA SER A 25 15.56 12.94 -1.99
C SER A 25 15.75 12.47 -0.54
N GLY A 26 15.46 11.19 -0.30
CA GLY A 26 15.55 10.64 1.03
C GLY A 26 14.18 10.62 1.71
N ARG A 27 13.20 11.18 1.03
CA ARG A 27 11.83 11.19 1.53
C ARG A 27 11.20 9.80 1.40
N LEU A 28 10.39 9.43 2.38
CA LEU A 28 9.67 8.16 2.33
C LEU A 28 8.54 8.22 1.32
N ILE A 29 8.55 7.28 0.38
N ILE A 29 8.54 7.28 0.37
CA ILE A 29 7.50 7.19 -0.62
CA ILE A 29 7.48 7.22 -0.64
C ILE A 29 6.13 7.02 0.04
C ILE A 29 6.12 6.96 0.00
N SER A 30 6.13 6.37 1.19
CA SER A 30 4.89 6.03 1.89
C SER A 30 4.24 7.19 2.64
N GLU A 31 4.96 8.31 2.77
CA GLU A 31 4.53 9.39 3.66
C GLU A 31 3.07 9.79 3.48
N LEU A 32 2.68 10.12 2.26
CA LEU A 32 1.34 10.66 2.00
C LEU A 32 0.29 9.57 1.83
N PHE A 33 0.69 8.32 2.07
CA PHE A 33 -0.21 7.19 1.89
C PHE A 33 -0.59 6.53 3.21
N GLN A 34 -0.04 7.04 4.30
CA GLN A 34 -0.31 6.47 5.62
C GLN A 34 -1.75 6.69 6.09
N LYS A 35 -2.24 7.92 5.91
CA LYS A 35 -3.55 8.29 6.43
C LYS A 35 -4.42 8.98 5.38
N LEU A 36 -5.66 8.52 5.28
CA LEU A 36 -6.67 9.16 4.44
C LEU A 36 -6.87 10.61 4.87
N PRO A 37 -7.30 11.45 3.91
CA PRO A 37 -7.55 12.86 4.23
C PRO A 37 -8.81 13.03 5.06
N SER A 38 -8.87 14.12 5.83
CA SER A 38 -10.07 14.47 6.59
C SER A 38 -11.32 14.51 5.73
N LYS A 39 -12.39 13.85 6.18
CA LYS A 39 -13.69 13.93 5.52
C LYS A 39 -14.26 15.36 5.59
N VAL A 40 -13.90 16.06 6.66
CA VAL A 40 -14.35 17.43 6.87
C VAL A 40 -13.63 18.38 5.92
N GLN A 41 -12.30 18.28 5.86
CA GLN A 41 -11.54 19.23 5.06
C GLN A 41 -11.45 18.86 3.59
N TYR A 42 -11.61 17.58 3.27
CA TYR A 42 -11.53 17.12 1.89
C TYR A 42 -12.75 16.30 1.49
N PRO A 43 -13.95 16.91 1.56
CA PRO A 43 -15.17 16.18 1.23
C PRO A 43 -15.19 15.70 -0.23
N ASP A 44 -14.60 16.46 -1.16
CA ASP A 44 -14.56 16.07 -2.57
C ASP A 44 -13.94 14.68 -2.74
N TYR A 45 -12.90 14.42 -1.95
CA TYR A 45 -12.18 13.16 -2.03
C TYR A 45 -13.13 11.97 -1.90
N TYR A 46 -14.05 12.08 -0.96
CA TYR A 46 -14.97 10.98 -0.65
C TYR A 46 -16.14 10.88 -1.60
N ALA A 47 -16.42 11.97 -2.32
CA ALA A 47 -17.41 11.92 -3.38
C ALA A 47 -16.82 11.22 -4.59
N ILE A 48 -15.52 11.38 -4.79
CA ILE A 48 -14.83 10.88 -5.98
C ILE A 48 -14.30 9.45 -5.83
N ILE A 49 -13.66 9.18 -4.69
CA ILE A 49 -13.06 7.88 -4.43
C ILE A 49 -14.06 6.95 -3.74
N LYS A 50 -14.50 5.92 -4.46
CA LYS A 50 -15.58 5.06 -3.96
C LYS A 50 -15.15 4.13 -2.83
N GLU A 51 -13.89 3.68 -2.86
CA GLU A 51 -13.36 2.79 -1.82
C GLU A 51 -12.06 3.31 -1.26
N PRO A 52 -12.12 4.31 -0.37
CA PRO A 52 -10.92 4.88 0.23
C PRO A 52 -10.12 3.85 1.03
N ILE A 53 -8.80 3.97 0.96
CA ILE A 53 -7.92 3.08 1.73
C ILE A 53 -6.58 3.78 1.99
N ASP A 54 -5.91 3.40 3.08
CA ASP A 54 -4.59 3.93 3.40
C ASP A 54 -3.72 2.83 3.98
N LEU A 55 -2.43 3.13 4.18
CA LEU A 55 -1.52 2.12 4.71
C LEU A 55 -1.86 1.73 6.16
N LYS A 56 -2.42 2.67 6.93
CA LYS A 56 -2.82 2.34 8.30
C LYS A 56 -3.90 1.25 8.29
N THR A 57 -4.82 1.35 7.34
CA THR A 57 -5.91 0.39 7.25
C THR A 57 -5.37 -0.97 6.84
N ILE A 58 -4.45 -0.98 5.87
CA ILE A 58 -3.82 -2.23 5.44
C ILE A 58 -3.06 -2.89 6.60
N ALA A 59 -2.37 -2.09 7.40
CA ALA A 59 -1.64 -2.62 8.54
C ALA A 59 -2.61 -3.25 9.55
N GLN A 60 -3.74 -2.59 9.76
CA GLN A 60 -4.78 -3.08 10.66
C GLN A 60 -5.32 -4.41 10.16
N ARG A 61 -5.54 -4.52 8.85
CA ARG A 61 -6.02 -5.76 8.26
C ARG A 61 -5.03 -6.90 8.43
N ILE A 62 -3.73 -6.61 8.35
CA ILE A 62 -2.73 -7.62 8.61
C ILE A 62 -2.82 -8.11 10.06
N GLN A 63 -3.00 -7.18 10.99
CA GLN A 63 -3.09 -7.53 12.39
C GLN A 63 -4.37 -8.29 12.72
N ASN A 64 -5.45 -7.98 12.00
CA ASN A 64 -6.76 -8.60 12.22
C ASN A 64 -6.89 -9.98 11.60
N GLY A 65 -5.95 -10.34 10.73
CA GLY A 65 -6.06 -11.58 9.99
C GLY A 65 -7.09 -11.51 8.87
N SER A 66 -7.45 -10.29 8.49
CA SER A 66 -8.43 -10.04 7.42
C SER A 66 -8.00 -10.62 6.07
N TYR A 67 -6.71 -10.58 5.79
CA TYR A 67 -6.20 -11.14 4.54
C TYR A 67 -5.94 -12.64 4.68
N LYS A 68 -6.50 -13.43 3.77
CA LYS A 68 -6.28 -14.87 3.76
C LYS A 68 -5.30 -15.31 2.66
N SER A 69 -4.75 -14.34 1.94
CA SER A 69 -3.78 -14.61 0.89
C SER A 69 -2.92 -13.38 0.66
N ILE A 70 -1.75 -13.57 0.06
CA ILE A 70 -0.95 -12.41 -0.31
C ILE A 70 -1.69 -11.60 -1.37
N HIS A 71 -2.38 -12.31 -2.27
CA HIS A 71 -3.18 -11.66 -3.31
C HIS A 71 -4.16 -10.63 -2.77
N ALA A 72 -4.85 -10.95 -1.68
CA ALA A 72 -5.81 -10.01 -1.09
C ALA A 72 -5.14 -8.72 -0.66
N MET A 73 -3.94 -8.82 -0.07
CA MET A 73 -3.20 -7.61 0.27
C MET A 73 -2.79 -6.86 -1.00
N ALA A 74 -2.32 -7.60 -1.99
CA ALA A 74 -1.91 -7.02 -3.26
C ALA A 74 -3.02 -6.20 -3.89
N LYS A 75 -4.25 -6.73 -3.86
CA LYS A 75 -5.40 -6.01 -4.42
C LYS A 75 -5.66 -4.71 -3.66
N ASP A 76 -5.43 -4.72 -2.34
CA ASP A 76 -5.56 -3.48 -1.57
C ASP A 76 -4.47 -2.47 -1.91
N ILE A 77 -3.25 -2.95 -2.13
CA ILE A 77 -2.16 -2.10 -2.59
C ILE A 77 -2.48 -1.49 -3.97
N ASP A 78 -3.02 -2.31 -4.87
CA ASP A 78 -3.43 -1.81 -6.17
C ASP A 78 -4.46 -0.70 -6.03
N LEU A 79 -5.41 -0.89 -5.11
CA LEU A 79 -6.47 0.08 -4.88
C LEU A 79 -5.88 1.37 -4.29
N LEU A 80 -5.00 1.21 -3.32
CA LEU A 80 -4.31 2.34 -2.72
C LEU A 80 -3.70 3.22 -3.81
N ALA A 81 -2.97 2.58 -4.73
CA ALA A 81 -2.33 3.30 -5.82
C ALA A 81 -3.33 3.87 -6.82
N LYS A 82 -4.34 3.08 -7.19
CA LYS A 82 -5.33 3.53 -8.16
C LYS A 82 -6.03 4.79 -7.67
N ASN A 83 -6.41 4.80 -6.40
CA ASN A 83 -7.09 5.96 -5.82
C ASN A 83 -6.24 7.23 -5.89
N ALA A 84 -4.97 7.10 -5.56
CA ALA A 84 -4.07 8.25 -5.61
C ALA A 84 -3.90 8.74 -7.04
N LYS A 85 -3.93 7.80 -7.97
CA LYS A 85 -3.77 8.11 -9.38
C LYS A 85 -5.08 8.57 -10.02
N THR A 86 -6.16 8.46 -9.25
CA THR A 86 -7.48 8.93 -9.68
C THR A 86 -7.76 10.35 -9.18
N TYR A 87 -7.53 10.55 -7.88
CA TYR A 87 -7.81 11.84 -7.24
C TYR A 87 -6.72 12.86 -7.57
N ASN A 88 -5.51 12.37 -7.82
CA ASN A 88 -4.37 13.25 -8.05
C ASN A 88 -3.91 13.23 -9.50
N GLU A 89 -3.46 14.40 -9.97
CA GLU A 89 -3.08 14.57 -11.36
C GLU A 89 -1.83 13.75 -11.71
N PRO A 90 -1.79 13.20 -12.92
CA PRO A 90 -0.64 12.41 -13.39
C PRO A 90 0.64 13.25 -13.40
N GLY A 91 1.78 12.58 -13.29
CA GLY A 91 3.05 13.28 -13.25
C GLY A 91 3.36 13.84 -11.89
N SER A 92 2.33 14.08 -11.09
CA SER A 92 2.51 14.59 -9.73
C SER A 92 3.39 13.61 -8.94
N GLN A 93 4.02 14.11 -7.88
CA GLN A 93 4.91 13.27 -7.09
C GLN A 93 4.13 12.19 -6.36
N VAL A 94 2.90 12.51 -5.97
CA VAL A 94 2.02 11.53 -5.35
C VAL A 94 1.66 10.44 -6.35
N PHE A 95 1.48 10.83 -7.61
CA PHE A 95 1.19 9.88 -8.68
C PHE A 95 2.38 8.93 -8.87
N LYS A 96 3.57 9.52 -8.94
CA LYS A 96 4.79 8.74 -9.08
C LYS A 96 5.01 7.81 -7.90
N ASP A 97 4.78 8.32 -6.70
CA ASP A 97 4.95 7.55 -5.48
C ASP A 97 3.97 6.39 -5.40
N ALA A 98 2.77 6.57 -5.95
CA ALA A 98 1.78 5.51 -6.01
C ALA A 98 2.33 4.33 -6.79
N ASN A 99 2.88 4.61 -7.97
CA ASN A 99 3.51 3.58 -8.79
C ASN A 99 4.74 2.96 -8.12
N SER A 100 5.54 3.80 -7.45
CA SER A 100 6.71 3.28 -6.76
C SER A 100 6.33 2.31 -5.66
N ILE A 101 5.27 2.62 -4.93
CA ILE A 101 4.76 1.70 -3.90
C ILE A 101 4.36 0.35 -4.50
N LYS A 102 3.65 0.36 -5.63
CA LYS A 102 3.33 -0.89 -6.30
C LYS A 102 4.60 -1.64 -6.71
N LYS A 103 5.55 -0.90 -7.29
CA LYS A 103 6.79 -1.51 -7.77
C LYS A 103 7.55 -2.18 -6.62
N ILE A 104 7.65 -1.49 -5.50
CA ILE A 104 8.30 -2.03 -4.30
C ILE A 104 7.58 -3.29 -3.82
N PHE A 105 6.26 -3.21 -3.72
CA PHE A 105 5.47 -4.33 -3.23
C PHE A 105 5.68 -5.56 -4.11
N TYR A 106 5.54 -5.41 -5.42
CA TYR A 106 5.62 -6.57 -6.31
C TYR A 106 7.03 -7.13 -6.47
N MET A 107 8.03 -6.27 -6.35
CA MET A 107 9.42 -6.72 -6.36
C MET A 107 9.71 -7.54 -5.10
N LYS A 108 9.25 -7.05 -3.96
CA LYS A 108 9.47 -7.76 -2.71
C LYS A 108 8.71 -9.09 -2.71
N LYS A 109 7.48 -9.07 -3.23
CA LYS A 109 6.71 -10.31 -3.33
C LYS A 109 7.46 -11.35 -4.15
N ALA A 110 7.99 -10.93 -5.30
CA ALA A 110 8.75 -11.86 -6.14
C ALA A 110 9.99 -12.38 -5.42
N GLU A 111 10.72 -11.49 -4.76
CA GLU A 111 11.90 -11.91 -4.02
C GLU A 111 11.56 -13.00 -3.02
N ILE A 112 10.48 -12.79 -2.27
CA ILE A 112 10.03 -13.76 -1.27
C ILE A 112 9.59 -15.08 -1.90
N GLU A 113 8.76 -15.00 -2.93
CA GLU A 113 8.14 -16.19 -3.50
C GLU A 113 9.09 -17.03 -4.35
N HIS A 114 10.12 -16.40 -4.91
CA HIS A 114 11.03 -17.09 -5.82
C HIS A 114 12.37 -17.49 -5.23
N HIS A 115 12.72 -16.98 -4.05
CA HIS A 115 14.03 -17.28 -3.52
C HIS A 115 14.12 -18.77 -3.21
N GLU A 116 15.29 -19.33 -3.47
CA GLU A 116 15.49 -20.76 -3.30
C GLU A 116 16.91 -21.04 -2.84
ZN ZN B . 6.47 -17.28 -9.67
ZN ZN C . 16.77 -18.75 -0.89
C1 EDO D . 5.23 -12.96 -9.31
O1 EDO D . 3.85 -13.30 -9.21
C2 EDO D . 6.00 -13.47 -8.07
O2 EDO D . 5.56 -12.70 -6.94
CL CL E . 5.46 -15.92 -11.12
CL CL F . 5.38 -17.76 -7.86
#